data_4HBS
#
_entry.id   4HBS
#
_cell.length_a   104.400
_cell.length_b   104.400
_cell.length_c   116.131
_cell.angle_alpha   90.000
_cell.angle_beta   90.000
_cell.angle_gamma   120.000
#
_symmetry.space_group_name_H-M   'P 31 2 1'
#
loop_
_entity.id
_entity.type
_entity.pdbx_description
1 polymer 'Putative hydrolase'
2 non-polymer GLYCEROL
3 water water
#
_entity_poly.entity_id   1
_entity_poly.type   'polypeptide(L)'
_entity_poly.pdbx_seq_one_letter_code
;GDQQEPYYGNSEVK(MSE)PQIDSEWNLEL(MSE)PNRSGQYWKVFVYKDLKYNALFTRSLGWNGGDGVFTTGLPDGNIF
WSFNDSFYGVINENRSRGNCSFPRNSI(MSE)VQTPGEKDENLVWLADYVQTNDPNADRYYQVRTHIRHPKATLSDEKIQ
AGEIDQDYLYWAGDATIYNNQ(MSE)Q(MSE)LWGAVDNTDPNNL(MSE)RRFGTCLATYSLEGKPGDATY(MSE)KLIS
RNDNFNDHTLGYGDT(MSE)WEDEDGHIYLYTTSNYKVAVARTATRDLGSQWEYYVADPQGHFSWTTQYPSTQDAENSTI
IPLESACS(MSE)PWVFKKGDTYY(MSE)IGQS(MSE)WFGRDVL(MSE)FRSKHPYGPFVDQKTLFTLPEFLDKIGEQR
YQHVY(MSE)VNIHPALSRTGELVISTNTDCSNFWDNFNAPGSADFYRPYFYRVFNWESLYDNDAPLE
;
_entity_poly.pdbx_strand_id   A
#
loop_
_chem_comp.id
_chem_comp.type
_chem_comp.name
_chem_comp.formula
GOL non-polymer GLYCEROL 'C3 H8 O3'
#
# COMPACT_ATOMS: atom_id res chain seq x y z
N ASN A 10 -28.51 -5.06 17.84
CA ASN A 10 -28.52 -6.27 17.02
C ASN A 10 -27.83 -7.42 17.76
N SER A 11 -28.61 -8.44 18.21
CA SER A 11 -28.09 -9.61 18.95
C SER A 11 -27.42 -10.68 18.04
N GLU A 12 -27.55 -10.56 16.70
CA GLU A 12 -26.99 -11.55 15.77
C GLU A 12 -25.44 -11.47 15.75
N VAL A 13 -24.77 -12.64 15.89
CA VAL A 13 -23.32 -12.79 15.86
C VAL A 13 -22.99 -13.68 14.66
N LYS A 14 -22.69 -13.05 13.51
CA LYS A 14 -22.39 -13.77 12.25
C LYS A 14 -21.07 -14.57 12.36
N MSE A 15 -21.16 -15.87 12.74
CA MSE A 15 -19.99 -16.77 12.89
C MSE A 15 -19.29 -17.00 11.55
O MSE A 15 -19.91 -17.52 10.64
CB MSE A 15 -20.43 -18.11 13.49
CG MSE A 15 -20.78 -18.01 14.98
SE MSE A 15 -19.25 -17.67 16.15
CE MSE A 15 -18.17 -19.05 15.46
N PRO A 16 -18.01 -16.60 11.37
CA PRO A 16 -17.39 -16.76 10.06
C PRO A 16 -17.02 -18.20 9.75
N GLN A 17 -17.24 -18.63 8.48
CA GLN A 17 -16.93 -19.99 8.03
C GLN A 17 -15.55 -19.96 7.42
N ILE A 18 -14.55 -20.46 8.16
CA ILE A 18 -13.15 -20.44 7.72
C ILE A 18 -12.73 -21.84 7.22
N ASP A 19 -12.25 -21.90 5.98
CA ASP A 19 -11.69 -23.13 5.40
C ASP A 19 -10.30 -23.29 6.01
N SER A 20 -9.97 -24.50 6.47
CA SER A 20 -8.65 -24.76 7.07
C SER A 20 -7.53 -24.56 6.06
N GLU A 21 -7.84 -24.74 4.74
CA GLU A 21 -6.89 -24.51 3.63
C GLU A 21 -6.36 -23.04 3.62
N TRP A 22 -7.19 -22.06 4.10
CA TRP A 22 -6.83 -20.63 4.14
C TRP A 22 -5.68 -20.33 5.12
N ASN A 23 -5.40 -21.24 6.06
CA ASN A 23 -4.32 -21.13 7.07
C ASN A 23 -4.41 -19.78 7.83
N LEU A 24 -5.61 -19.49 8.36
CA LEU A 24 -5.86 -18.31 9.18
C LEU A 24 -5.73 -18.74 10.65
N GLU A 25 -5.21 -17.84 11.51
CA GLU A 25 -5.05 -18.11 12.93
C GLU A 25 -5.76 -16.99 13.69
N LEU A 26 -6.87 -17.29 14.40
CA LEU A 26 -7.64 -16.27 15.11
C LEU A 26 -6.79 -15.59 16.15
N MSE A 27 -6.91 -14.25 16.28
CA MSE A 27 -6.14 -13.49 17.26
C MSE A 27 -6.97 -13.32 18.48
O MSE A 27 -8.19 -13.21 18.38
CB MSE A 27 -5.73 -12.13 16.70
CG MSE A 27 -4.49 -12.20 15.88
SE MSE A 27 -3.98 -10.50 15.20
CE MSE A 27 -3.30 -9.73 16.78
N PRO A 28 -6.36 -13.28 19.69
CA PRO A 28 -7.16 -13.15 20.91
C PRO A 28 -7.83 -11.78 21.03
N ASN A 29 -8.99 -11.74 21.73
CA ASN A 29 -9.69 -10.47 22.02
C ASN A 29 -8.62 -9.56 22.66
N ARG A 30 -8.24 -8.48 21.97
CA ARG A 30 -7.13 -7.65 22.41
C ARG A 30 -7.55 -6.74 23.58
N SER A 31 -8.50 -5.82 23.29
CA SER A 31 -9.03 -4.73 24.12
C SER A 31 -9.63 -3.67 23.18
N GLY A 32 -8.83 -3.32 22.16
CA GLY A 32 -9.20 -2.38 21.10
C GLY A 32 -10.32 -2.88 20.18
N GLN A 33 -10.39 -4.22 19.94
CA GLN A 33 -11.44 -4.77 19.06
C GLN A 33 -12.71 -5.24 19.80
N TYR A 34 -13.85 -5.07 19.06
CA TYR A 34 -15.23 -5.43 19.43
C TYR A 34 -15.35 -6.94 19.40
N TRP A 35 -16.06 -7.53 20.36
CA TRP A 35 -16.20 -8.99 20.46
C TRP A 35 -16.89 -9.67 19.22
N LYS A 36 -17.72 -8.95 18.43
CA LYS A 36 -18.35 -9.53 17.22
C LYS A 36 -17.38 -9.50 16.00
N VAL A 37 -16.24 -8.79 16.10
CA VAL A 37 -15.28 -8.67 15.01
C VAL A 37 -14.21 -9.76 15.17
N PHE A 38 -14.09 -10.67 14.18
CA PHE A 38 -13.11 -11.75 14.21
C PHE A 38 -11.91 -11.37 13.38
N VAL A 39 -10.73 -11.24 14.03
CA VAL A 39 -9.47 -10.87 13.41
C VAL A 39 -8.59 -12.10 13.35
N TYR A 40 -7.89 -12.29 12.22
CA TYR A 40 -7.02 -13.43 12.00
C TYR A 40 -5.70 -13.03 11.43
N LYS A 41 -4.66 -13.82 11.72
CA LYS A 41 -3.37 -13.68 11.08
C LYS A 41 -3.43 -14.55 9.83
N ASP A 42 -3.20 -14.02 8.63
CA ASP A 42 -3.19 -14.87 7.42
C ASP A 42 -1.79 -15.51 7.32
N LEU A 43 -1.64 -16.78 7.79
CA LEU A 43 -0.34 -17.45 7.79
C LEU A 43 0.04 -17.91 6.39
N LYS A 44 -0.96 -18.13 5.48
CA LYS A 44 -0.72 -18.52 4.08
C LYS A 44 0.02 -17.41 3.36
N TYR A 45 -0.45 -16.14 3.53
CA TYR A 45 0.15 -14.98 2.89
C TYR A 45 1.44 -14.62 3.58
N ASN A 46 1.50 -14.68 4.91
CA ASN A 46 2.76 -14.44 5.62
C ASN A 46 3.85 -15.39 5.09
N ALA A 47 3.48 -16.66 4.73
CA ALA A 47 4.41 -17.65 4.18
C ALA A 47 4.77 -17.31 2.76
N LEU A 48 3.81 -16.85 1.95
CA LEU A 48 4.10 -16.45 0.57
C LEU A 48 5.18 -15.38 0.50
N PHE A 49 5.17 -14.40 1.43
CA PHE A 49 6.15 -13.33 1.47
C PHE A 49 7.29 -13.62 2.49
N THR A 50 7.55 -14.93 2.79
CA THR A 50 8.71 -15.41 3.54
C THR A 50 9.51 -16.13 2.49
N ARG A 51 10.32 -15.36 1.72
CA ARG A 51 11.07 -15.89 0.58
C ARG A 51 12.57 -15.87 0.83
N SER A 52 13.33 -16.69 0.08
CA SER A 52 14.77 -16.83 0.23
C SER A 52 15.59 -16.32 -0.95
N LEU A 53 15.04 -16.31 -2.18
CA LEU A 53 15.75 -15.88 -3.37
C LEU A 53 14.92 -14.84 -4.10
N GLY A 54 15.53 -13.72 -4.45
CA GLY A 54 14.81 -12.64 -5.12
C GLY A 54 14.14 -11.76 -4.09
N TRP A 55 12.90 -11.29 -4.34
CA TRP A 55 12.22 -10.43 -3.36
C TRP A 55 12.19 -11.16 -2.04
N ASN A 56 12.73 -10.58 -0.98
CA ASN A 56 12.73 -11.23 0.33
C ASN A 56 12.43 -10.24 1.49
N GLY A 57 11.84 -9.08 1.18
CA GLY A 57 11.54 -8.04 2.15
C GLY A 57 11.23 -6.73 1.46
N GLY A 58 10.26 -5.99 1.98
CA GLY A 58 9.81 -4.76 1.33
C GLY A 58 8.78 -3.94 2.05
N ASP A 59 8.39 -2.88 1.38
CA ASP A 59 7.59 -1.73 1.81
C ASP A 59 6.51 -1.47 0.77
N GLY A 60 5.53 -0.65 1.11
CA GLY A 60 4.41 -0.34 0.23
C GLY A 60 3.43 -1.49 0.27
N VAL A 61 3.49 -2.37 -0.76
CA VAL A 61 2.65 -3.58 -0.84
C VAL A 61 1.21 -3.12 -1.13
N PHE A 62 0.95 -2.85 -2.41
CA PHE A 62 -0.34 -2.39 -2.93
C PHE A 62 -0.83 -3.34 -3.99
N THR A 63 -2.07 -3.86 -3.85
CA THR A 63 -2.66 -4.76 -4.83
C THR A 63 -3.65 -4.04 -5.73
N THR A 64 -3.90 -4.63 -6.89
CA THR A 64 -4.84 -4.14 -7.89
C THR A 64 -5.28 -5.33 -8.70
N GLY A 65 -6.49 -5.83 -8.42
CA GLY A 65 -7.04 -6.94 -9.19
C GLY A 65 -7.13 -6.55 -10.65
N LEU A 66 -6.73 -7.47 -11.56
CA LEU A 66 -6.74 -7.20 -13.00
C LEU A 66 -7.93 -7.90 -13.66
N PRO A 67 -8.31 -7.51 -14.90
CA PRO A 67 -9.47 -8.15 -15.54
C PRO A 67 -9.25 -9.60 -16.01
N ASP A 68 -7.98 -10.07 -16.09
CA ASP A 68 -7.65 -11.44 -16.53
C ASP A 68 -7.55 -12.45 -15.37
N GLY A 69 -7.92 -12.03 -14.14
CA GLY A 69 -7.88 -12.90 -12.97
C GLY A 69 -6.61 -12.78 -12.14
N ASN A 70 -5.57 -12.09 -12.66
CA ASN A 70 -4.32 -11.90 -11.93
C ASN A 70 -4.43 -10.70 -11.02
N ILE A 71 -3.45 -10.51 -10.12
CA ILE A 71 -3.37 -9.39 -9.18
C ILE A 71 -2.02 -8.73 -9.34
N PHE A 72 -2.01 -7.39 -9.44
CA PHE A 72 -0.79 -6.61 -9.59
C PHE A 72 -0.33 -6.12 -8.21
N TRP A 73 0.92 -6.39 -7.84
CA TRP A 73 1.50 -5.96 -6.56
C TRP A 73 2.60 -4.96 -6.83
N SER A 74 2.62 -3.81 -6.13
CA SER A 74 3.70 -2.83 -6.25
C SER A 74 4.38 -2.66 -4.91
N PHE A 75 5.70 -2.47 -4.93
CA PHE A 75 6.49 -2.29 -3.71
C PHE A 75 7.34 -1.09 -3.84
N ASN A 76 7.72 -0.54 -2.68
CA ASN A 76 8.59 0.61 -2.55
C ASN A 76 9.96 0.01 -2.23
N ASP A 77 10.76 0.60 -1.32
CA ASP A 77 12.10 0.08 -1.03
C ASP A 77 12.03 -1.38 -0.63
N SER A 78 12.59 -2.30 -1.47
CA SER A 78 12.56 -3.75 -1.22
C SER A 78 13.92 -4.40 -1.39
N PHE A 79 14.18 -5.46 -0.59
CA PHE A 79 15.42 -6.24 -0.65
C PHE A 79 15.26 -7.38 -1.67
N TYR A 80 16.17 -7.43 -2.64
CA TYR A 80 16.24 -8.47 -3.64
C TYR A 80 17.57 -9.10 -3.49
N GLY A 81 17.60 -10.39 -3.16
CA GLY A 81 18.86 -11.08 -2.94
C GLY A 81 18.71 -12.44 -2.30
N VAL A 82 19.58 -12.73 -1.33
CA VAL A 82 19.69 -14.05 -0.69
C VAL A 82 19.41 -14.02 0.84
N ILE A 83 18.61 -14.98 1.32
CA ILE A 83 18.34 -15.17 2.77
C ILE A 83 19.03 -16.47 3.15
N ASN A 84 19.88 -16.42 4.17
CA ASN A 84 20.65 -17.57 4.61
C ASN A 84 19.96 -18.31 5.77
N GLU A 85 20.63 -19.32 6.29
CA GLU A 85 20.17 -20.14 7.41
C GLU A 85 19.57 -19.28 8.55
N ASN A 86 18.40 -19.74 9.08
CA ASN A 86 17.64 -19.10 10.17
C ASN A 86 17.17 -17.70 9.79
N ARG A 87 16.63 -17.55 8.57
CA ARG A 87 16.09 -16.27 8.09
C ARG A 87 17.07 -15.12 8.34
N SER A 88 18.35 -15.32 8.02
CA SER A 88 19.39 -14.33 8.21
C SER A 88 19.65 -13.72 6.87
N ARG A 89 19.20 -12.48 6.62
CA ARG A 89 19.37 -11.86 5.30
C ARG A 89 20.83 -11.66 4.96
N GLY A 90 21.20 -12.03 3.74
CA GLY A 90 22.55 -11.92 3.23
C GLY A 90 22.69 -10.80 2.21
N ASN A 91 23.41 -11.07 1.09
CA ASN A 91 23.65 -10.06 0.06
C ASN A 91 22.40 -9.68 -0.71
N CYS A 92 21.94 -8.41 -0.58
CA CYS A 92 20.74 -7.89 -1.23
C CYS A 92 20.94 -6.53 -1.88
N SER A 93 20.05 -6.22 -2.81
CA SER A 93 19.92 -4.95 -3.51
C SER A 93 18.79 -4.24 -2.83
N PHE A 94 18.70 -2.92 -2.92
CA PHE A 94 17.58 -2.23 -2.28
C PHE A 94 16.89 -1.28 -3.26
N PRO A 95 16.33 -1.82 -4.41
CA PRO A 95 15.62 -0.97 -5.38
C PRO A 95 14.54 -0.07 -4.77
N ARG A 96 14.38 1.15 -5.29
CA ARG A 96 13.39 2.09 -4.75
C ARG A 96 11.96 1.68 -5.05
N ASN A 97 11.74 0.83 -6.03
CA ASN A 97 10.43 0.29 -6.32
C ASN A 97 10.55 -0.91 -7.24
N SER A 98 9.52 -1.73 -7.24
CA SER A 98 9.47 -2.92 -8.07
C SER A 98 8.04 -3.39 -8.14
N ILE A 99 7.75 -4.28 -9.09
CA ILE A 99 6.41 -4.79 -9.26
C ILE A 99 6.44 -6.31 -9.42
N MSE A 100 5.26 -6.90 -9.32
CA MSE A 100 5.04 -8.33 -9.42
C MSE A 100 3.59 -8.61 -9.86
O MSE A 100 2.74 -7.73 -9.66
CB MSE A 100 5.34 -8.97 -8.03
CG MSE A 100 5.06 -10.47 -7.91
SE MSE A 100 3.34 -10.85 -7.21
CE MSE A 100 3.68 -10.52 -5.48
N VAL A 101 3.34 -9.76 -10.48
CA VAL A 101 2.00 -10.20 -10.90
C VAL A 101 1.71 -11.52 -10.22
N GLN A 102 0.62 -11.61 -9.47
CA GLN A 102 0.20 -12.85 -8.83
C GLN A 102 -0.84 -13.49 -9.70
N THR A 103 -0.63 -14.76 -10.10
CA THR A 103 -1.59 -15.50 -10.92
C THR A 103 -2.43 -16.40 -10.02
N PRO A 104 -3.61 -16.91 -10.46
CA PRO A 104 -4.37 -17.83 -9.60
C PRO A 104 -3.58 -19.08 -9.20
N GLY A 105 -3.62 -19.46 -7.91
CA GLY A 105 -2.93 -20.65 -7.40
C GLY A 105 -2.49 -20.56 -5.95
N GLU A 106 -1.97 -19.38 -5.55
CA GLU A 106 -1.49 -19.07 -4.19
C GLU A 106 -0.29 -19.95 -3.72
N LYS A 107 0.59 -20.33 -4.66
CA LYS A 107 1.86 -21.01 -4.41
C LYS A 107 2.98 -19.99 -4.80
N ASP A 108 4.25 -20.18 -4.39
CA ASP A 108 5.29 -19.20 -4.74
C ASP A 108 5.48 -19.07 -6.23
N GLU A 109 5.31 -20.19 -6.96
CA GLU A 109 5.37 -20.21 -8.42
C GLU A 109 4.42 -19.18 -9.05
N ASN A 110 3.34 -18.78 -8.33
CA ASN A 110 2.36 -17.83 -8.83
C ASN A 110 2.78 -16.37 -8.63
N LEU A 111 3.78 -16.08 -7.79
CA LEU A 111 4.27 -14.72 -7.61
C LEU A 111 5.28 -14.45 -8.73
N VAL A 112 4.83 -13.82 -9.83
CA VAL A 112 5.70 -13.56 -11.00
C VAL A 112 6.40 -12.20 -10.83
N TRP A 113 7.62 -12.21 -10.27
CA TRP A 113 8.40 -10.98 -10.03
C TRP A 113 8.88 -10.42 -11.35
N LEU A 114 8.34 -9.27 -11.79
CA LEU A 114 8.72 -8.65 -13.08
C LEU A 114 9.90 -7.75 -12.79
N ALA A 115 11.02 -8.38 -12.40
CA ALA A 115 12.19 -7.69 -11.92
C ALA A 115 13.30 -7.57 -12.94
N ASP A 116 14.05 -6.47 -12.81
CA ASP A 116 15.23 -6.09 -13.62
C ASP A 116 16.44 -6.70 -12.92
N TYR A 117 16.59 -8.04 -12.98
CA TYR A 117 17.69 -8.71 -12.28
C TYR A 117 19.05 -8.31 -12.80
N VAL A 118 20.06 -8.26 -11.88
CA VAL A 118 21.44 -7.94 -12.25
C VAL A 118 22.02 -9.22 -12.84
N GLN A 119 21.90 -10.34 -12.10
CA GLN A 119 22.33 -11.66 -12.59
C GLN A 119 21.61 -12.77 -11.79
N THR A 120 21.26 -13.87 -12.47
CA THR A 120 20.58 -15.03 -11.84
C THR A 120 21.21 -16.35 -12.34
N ASN A 121 22.48 -16.29 -12.81
CA ASN A 121 23.19 -17.44 -13.41
C ASN A 121 24.19 -18.08 -12.46
N ASP A 122 25.03 -17.29 -11.78
CA ASP A 122 26.04 -17.84 -10.89
C ASP A 122 25.66 -17.61 -9.42
N PRO A 123 25.23 -18.66 -8.68
CA PRO A 123 24.90 -18.46 -7.25
C PRO A 123 26.10 -18.12 -6.38
N ASN A 124 27.31 -18.46 -6.84
CA ASN A 124 28.54 -18.19 -6.11
C ASN A 124 29.14 -16.81 -6.47
N ALA A 125 28.62 -16.11 -7.53
CA ALA A 125 29.10 -14.77 -7.88
C ALA A 125 28.25 -13.69 -7.24
N ASP A 126 28.82 -12.49 -7.16
CA ASP A 126 28.18 -11.32 -6.57
C ASP A 126 26.92 -10.91 -7.36
N ARG A 127 26.02 -10.15 -6.70
CA ARG A 127 24.77 -9.60 -7.26
C ARG A 127 23.75 -10.66 -7.65
N TYR A 128 23.81 -11.85 -7.04
CA TYR A 128 22.87 -12.94 -7.35
C TYR A 128 21.46 -12.61 -6.90
N TYR A 129 20.53 -12.58 -7.86
CA TYR A 129 19.11 -12.27 -7.68
C TYR A 129 18.88 -10.87 -7.12
N GLN A 130 19.85 -9.95 -7.35
CA GLN A 130 19.75 -8.54 -6.98
C GLN A 130 19.03 -7.84 -8.15
N VAL A 131 18.24 -6.80 -7.85
CA VAL A 131 17.39 -6.13 -8.82
C VAL A 131 17.64 -4.63 -8.83
N ARG A 132 17.29 -3.97 -9.96
CA ARG A 132 17.37 -2.52 -10.16
C ARG A 132 15.98 -1.89 -9.99
N THR A 133 15.92 -0.61 -9.62
CA THR A 133 14.67 0.14 -9.46
C THR A 133 13.79 -0.02 -10.76
N HIS A 134 12.48 -0.32 -10.60
CA HIS A 134 11.60 -0.52 -11.74
C HIS A 134 11.42 0.77 -12.54
N ILE A 135 11.02 1.89 -11.87
CA ILE A 135 10.81 3.17 -12.54
C ILE A 135 11.68 4.20 -11.82
N ARG A 136 12.53 4.86 -12.59
CA ARG A 136 13.52 5.81 -12.11
C ARG A 136 13.00 7.23 -12.29
N HIS A 137 13.34 8.14 -11.36
CA HIS A 137 12.93 9.52 -11.50
C HIS A 137 13.87 10.28 -12.48
N PRO A 138 13.32 11.03 -13.45
CA PRO A 138 14.17 11.81 -14.37
C PRO A 138 15.22 12.71 -13.73
N LYS A 139 14.94 13.28 -12.52
CA LYS A 139 15.89 14.16 -11.82
C LYS A 139 17.04 13.37 -11.16
N ALA A 140 16.97 12.01 -11.05
CA ALA A 140 18.01 11.19 -10.41
C ALA A 140 19.28 11.25 -11.21
N THR A 141 20.39 11.57 -10.54
CA THR A 141 21.69 11.82 -11.18
C THR A 141 22.61 10.61 -11.38
N LEU A 142 22.33 9.40 -10.79
CA LEU A 142 23.22 8.24 -11.04
C LEU A 142 23.25 7.94 -12.54
N SER A 143 24.45 7.62 -13.06
CA SER A 143 24.66 7.42 -14.48
C SER A 143 24.12 6.07 -14.90
N ASP A 144 23.80 5.94 -16.20
CA ASP A 144 23.29 4.70 -16.78
C ASP A 144 24.28 3.53 -16.52
N GLU A 145 25.61 3.84 -16.46
CA GLU A 145 26.64 2.84 -16.17
C GLU A 145 26.50 2.38 -14.71
N LYS A 146 26.41 3.35 -13.76
CA LYS A 146 26.23 3.03 -12.33
C LYS A 146 24.93 2.26 -12.10
N ILE A 147 23.85 2.63 -12.83
CA ILE A 147 22.55 1.93 -12.76
C ILE A 147 22.72 0.53 -13.32
N GLN A 148 23.48 0.35 -14.42
CA GLN A 148 23.75 -1.00 -14.96
C GLN A 148 24.53 -1.78 -13.93
N ALA A 149 25.46 -1.11 -13.22
CA ALA A 149 26.28 -1.73 -12.17
C ALA A 149 25.50 -1.97 -10.85
N GLY A 150 24.17 -1.82 -10.85
CA GLY A 150 23.34 -2.10 -9.69
C GLY A 150 23.29 -1.04 -8.61
N GLU A 151 23.90 0.15 -8.81
CA GLU A 151 23.78 1.23 -7.82
C GLU A 151 22.33 1.71 -7.83
N ILE A 152 21.75 1.98 -6.65
CA ILE A 152 20.35 2.45 -6.54
C ILE A 152 20.33 3.94 -6.19
N ASP A 153 19.36 4.68 -6.76
CA ASP A 153 19.18 6.13 -6.56
C ASP A 153 18.78 6.47 -5.17
N GLN A 154 19.45 7.45 -4.57
CA GLN A 154 19.13 7.92 -3.22
C GLN A 154 18.65 9.35 -3.21
N ASP A 155 18.69 10.06 -4.37
CA ASP A 155 18.33 11.47 -4.46
C ASP A 155 16.87 11.67 -4.80
N TYR A 156 16.46 11.28 -6.03
CA TYR A 156 15.09 11.42 -6.50
C TYR A 156 14.55 10.04 -6.81
N LEU A 157 13.32 9.76 -6.41
CA LEU A 157 12.76 8.43 -6.65
C LEU A 157 11.24 8.48 -6.76
N TYR A 158 10.64 7.30 -7.05
CA TYR A 158 9.21 7.11 -7.18
C TYR A 158 8.75 6.05 -6.20
N TRP A 159 7.60 6.29 -5.55
CA TRP A 159 6.99 5.29 -4.69
C TRP A 159 5.54 5.13 -5.13
N ALA A 160 5.00 3.91 -4.96
CA ALA A 160 3.69 3.52 -5.47
C ALA A 160 2.54 4.38 -5.00
N GLY A 161 1.66 4.70 -5.94
CA GLY A 161 0.39 5.33 -5.70
C GLY A 161 -0.61 4.25 -6.03
N ASP A 162 -1.89 4.53 -5.99
CA ASP A 162 -2.86 3.48 -6.33
C ASP A 162 -3.01 3.42 -7.88
N ALA A 163 -3.62 2.35 -8.39
CA ALA A 163 -3.79 2.17 -9.83
C ALA A 163 -5.18 1.67 -10.16
N THR A 164 -5.64 1.98 -11.39
CA THR A 164 -6.96 1.58 -11.90
C THR A 164 -6.82 1.01 -13.28
N ILE A 165 -7.88 0.32 -13.75
CA ILE A 165 -7.95 -0.23 -15.11
C ILE A 165 -8.84 0.68 -15.94
N TYR A 166 -8.35 1.07 -17.12
CA TYR A 166 -9.08 1.90 -18.07
C TYR A 166 -8.66 1.46 -19.48
N ASN A 167 -9.65 1.06 -20.33
CA ASN A 167 -9.44 0.60 -21.71
C ASN A 167 -8.41 -0.55 -21.78
N ASN A 168 -8.67 -1.62 -20.98
CA ASN A 168 -7.81 -2.82 -20.86
C ASN A 168 -6.31 -2.44 -20.75
N GLN A 169 -6.04 -1.51 -19.85
CA GLN A 169 -4.71 -0.99 -19.55
C GLN A 169 -4.72 -0.51 -18.14
N MSE A 170 -3.64 -0.73 -17.39
CA MSE A 170 -3.60 -0.26 -16.02
C MSE A 170 -2.86 1.07 -15.95
O MSE A 170 -1.68 1.16 -16.32
CB MSE A 170 -2.94 -1.29 -15.10
CG MSE A 170 -3.08 -0.95 -13.62
SE MSE A 170 -1.91 -2.01 -12.56
CE MSE A 170 -0.29 -1.14 -13.03
N GLN A 171 -3.56 2.10 -15.46
CA GLN A 171 -3.03 3.45 -15.25
C GLN A 171 -2.65 3.55 -13.80
N MSE A 172 -1.39 3.88 -13.51
CA MSE A 172 -0.88 3.96 -12.15
C MSE A 172 -0.19 5.29 -11.86
O MSE A 172 0.48 5.82 -12.74
CB MSE A 172 0.14 2.84 -11.95
CG MSE A 172 0.93 2.97 -10.65
SE MSE A 172 1.79 1.37 -10.19
CE MSE A 172 1.72 1.59 -8.33
N LEU A 173 -0.31 5.78 -10.61
CA LEU A 173 0.39 6.97 -10.17
C LEU A 173 1.66 6.58 -9.39
N TRP A 174 2.76 7.25 -9.69
CA TRP A 174 4.03 7.09 -9.02
C TRP A 174 4.36 8.46 -8.38
N GLY A 175 4.51 8.49 -7.06
CA GLY A 175 4.80 9.73 -6.33
C GLY A 175 6.27 10.06 -6.31
N ALA A 176 6.63 11.27 -6.81
CA ALA A 176 8.03 11.74 -6.87
C ALA A 176 8.50 12.15 -5.50
N VAL A 177 9.61 11.56 -5.00
CA VAL A 177 10.11 11.84 -3.64
C VAL A 177 11.53 12.40 -3.67
N ASP A 178 11.76 13.54 -2.97
CA ASP A 178 13.07 14.21 -2.87
C ASP A 178 13.73 13.92 -1.51
N ASN A 179 14.91 13.25 -1.53
CA ASN A 179 15.69 12.89 -0.32
C ASN A 179 17.01 13.66 -0.26
N THR A 180 17.13 14.80 -0.95
CA THR A 180 18.38 15.57 -0.93
C THR A 180 18.47 16.49 0.32
N ASP A 181 17.33 16.81 1.01
CA ASP A 181 17.37 17.63 2.23
C ASP A 181 17.49 16.68 3.43
N PRO A 182 18.62 16.63 4.18
CA PRO A 182 18.71 15.69 5.31
C PRO A 182 17.74 15.98 6.45
N ASN A 183 17.26 17.24 6.57
CA ASN A 183 16.29 17.60 7.60
C ASN A 183 14.90 17.15 7.13
N ASN A 184 14.47 17.66 5.97
CA ASN A 184 13.17 17.36 5.37
C ASN A 184 13.29 16.18 4.37
N LEU A 185 13.45 14.95 4.90
CA LEU A 185 13.56 13.76 4.04
C LEU A 185 12.19 13.28 3.60
N MSE A 186 12.17 12.55 2.48
CA MSE A 186 10.97 11.97 1.88
C MSE A 186 9.95 13.05 1.45
O MSE A 186 8.74 12.83 1.53
CB MSE A 186 10.35 10.92 2.81
CG MSE A 186 11.22 9.67 2.95
SE MSE A 186 10.73 8.51 4.41
CE MSE A 186 8.77 8.60 4.28
N ARG A 187 10.44 14.18 0.92
CA ARG A 187 9.58 15.29 0.48
C ARG A 187 8.87 14.96 -0.86
N ARG A 188 7.53 14.80 -0.82
CA ARG A 188 6.72 14.59 -2.03
C ARG A 188 6.75 15.86 -2.84
N PHE A 189 7.09 15.77 -4.13
CA PHE A 189 7.20 16.96 -4.97
C PHE A 189 6.57 16.81 -6.34
N GLY A 190 5.81 15.75 -6.59
CA GLY A 190 5.18 15.57 -7.89
C GLY A 190 4.65 14.18 -8.09
N THR A 191 4.00 13.94 -9.25
CA THR A 191 3.43 12.63 -9.59
C THR A 191 3.70 12.32 -11.06
N CYS A 192 3.79 11.02 -11.37
CA CYS A 192 3.96 10.53 -12.72
C CYS A 192 2.81 9.64 -13.03
N LEU A 193 2.21 9.74 -14.23
CA LEU A 193 1.14 8.85 -14.65
C LEU A 193 1.73 7.82 -15.59
N ALA A 194 1.86 6.57 -15.11
CA ALA A 194 2.41 5.44 -15.88
C ALA A 194 1.27 4.57 -16.42
N THR A 195 1.33 4.17 -17.69
CA THR A 195 0.30 3.30 -18.31
C THR A 195 0.96 1.97 -18.65
N TYR A 196 0.38 0.85 -18.16
CA TYR A 196 0.92 -0.49 -18.36
C TYR A 196 0.03 -1.34 -19.28
N SER A 197 0.62 -2.17 -20.15
CA SER A 197 -0.15 -3.06 -21.02
C SER A 197 -0.58 -4.30 -20.28
N LEU A 198 -1.73 -4.88 -20.67
CA LEU A 198 -2.27 -6.12 -20.10
C LEU A 198 -2.39 -7.19 -21.21
N GLU A 199 -1.59 -7.03 -22.26
CA GLU A 199 -1.53 -7.91 -23.42
C GLU A 199 -0.51 -9.03 -23.12
N GLY A 200 -0.94 -10.28 -23.27
CA GLY A 200 -0.09 -11.45 -23.02
C GLY A 200 -0.34 -12.11 -21.69
N LYS A 201 0.69 -12.77 -21.16
CA LYS A 201 0.67 -13.46 -19.87
C LYS A 201 1.89 -13.01 -19.05
N PRO A 202 1.86 -12.97 -17.69
CA PRO A 202 3.05 -12.52 -16.93
C PRO A 202 4.33 -13.23 -17.39
N GLY A 203 5.40 -12.46 -17.58
CA GLY A 203 6.66 -12.97 -18.12
C GLY A 203 6.84 -12.60 -19.59
N ASP A 204 5.70 -12.45 -20.36
CA ASP A 204 5.73 -12.00 -21.77
C ASP A 204 6.47 -10.69 -21.90
N ALA A 205 6.89 -10.37 -23.11
CA ALA A 205 7.53 -9.10 -23.38
C ALA A 205 6.49 -7.96 -23.26
N THR A 206 5.25 -8.21 -23.71
CA THR A 206 4.17 -7.22 -23.69
C THR A 206 3.49 -7.05 -22.30
N TYR A 207 3.26 -8.16 -21.58
CA TYR A 207 2.53 -8.13 -20.31
C TYR A 207 3.21 -7.31 -19.19
N MSE A 208 2.46 -6.30 -18.67
CA MSE A 208 2.86 -5.34 -17.64
C MSE A 208 4.08 -4.49 -18.09
O MSE A 208 4.79 -3.95 -17.24
CB MSE A 208 3.11 -6.03 -16.27
CG MSE A 208 1.87 -6.04 -15.38
SE MSE A 208 1.12 -4.28 -14.95
CE MSE A 208 -0.62 -4.81 -14.64
N LYS A 209 4.24 -4.28 -19.41
CA LYS A 209 5.29 -3.43 -19.93
C LYS A 209 4.79 -2.00 -19.80
N LEU A 210 5.67 -1.06 -19.40
CA LEU A 210 5.33 0.36 -19.27
C LEU A 210 5.14 0.96 -20.69
N ILE A 211 3.88 1.14 -21.12
CA ILE A 211 3.52 1.67 -22.45
C ILE A 211 3.80 3.18 -22.55
N SER A 212 3.50 3.95 -21.50
CA SER A 212 3.72 5.40 -21.52
C SER A 212 3.91 5.94 -20.13
N ARG A 213 4.69 7.02 -20.01
CA ARG A 213 4.95 7.68 -18.73
C ARG A 213 4.92 9.20 -18.92
N ASN A 214 4.21 9.91 -18.02
CA ASN A 214 4.15 11.36 -18.01
C ASN A 214 4.76 11.78 -16.72
N ASP A 215 6.08 11.92 -16.69
CA ASP A 215 6.79 12.29 -15.45
C ASP A 215 6.45 13.71 -14.94
N ASN A 216 5.86 14.57 -15.81
CA ASN A 216 5.44 15.94 -15.44
C ASN A 216 3.89 16.02 -15.28
N PHE A 217 3.22 14.91 -14.87
CA PHE A 217 1.77 14.85 -14.66
C PHE A 217 1.35 15.91 -13.59
N ASN A 218 1.98 15.87 -12.41
CA ASN A 218 1.80 16.86 -11.33
C ASN A 218 3.14 17.34 -10.83
N ASP A 219 3.13 18.46 -10.12
CA ASP A 219 4.26 18.95 -9.34
C ASP A 219 3.70 19.25 -7.94
N HIS A 220 2.66 18.49 -7.55
CA HIS A 220 1.89 18.67 -6.35
C HIS A 220 2.62 18.16 -5.14
N THR A 221 2.48 18.91 -4.05
CA THR A 221 3.05 18.61 -2.74
C THR A 221 2.19 17.53 -2.05
N LEU A 222 0.85 17.61 -2.20
CA LEU A 222 -0.09 16.66 -1.63
C LEU A 222 -0.17 15.42 -2.55
N GLY A 223 -0.29 14.24 -1.95
CA GLY A 223 -0.33 12.99 -2.70
C GLY A 223 -1.71 12.52 -3.07
N TYR A 224 -2.55 13.35 -3.75
CA TYR A 224 -3.88 12.92 -4.17
C TYR A 224 -3.75 11.72 -5.07
N GLY A 225 -4.38 10.62 -4.68
CA GLY A 225 -4.34 9.37 -5.43
C GLY A 225 -3.47 8.28 -4.83
N ASP A 226 -2.82 8.54 -3.65
CA ASP A 226 -2.01 7.51 -2.96
C ASP A 226 -2.92 6.28 -2.70
N THR A 227 -4.21 6.54 -2.41
CA THR A 227 -5.28 5.56 -2.34
C THR A 227 -6.37 6.10 -3.28
N MSE A 228 -7.25 5.23 -3.73
CA MSE A 228 -8.31 5.57 -4.68
C MSE A 228 -9.59 4.84 -4.41
O MSE A 228 -9.62 3.86 -3.68
CB MSE A 228 -7.85 5.18 -6.08
CG MSE A 228 -7.25 6.31 -6.84
SE MSE A 228 -6.24 5.76 -8.39
CE MSE A 228 -7.03 4.26 -8.81
N TRP A 229 -10.66 5.30 -5.06
CA TRP A 229 -11.95 4.63 -5.04
C TRP A 229 -12.70 4.91 -6.36
N GLU A 230 -12.85 3.88 -7.21
CA GLU A 230 -13.59 4.01 -8.47
C GLU A 230 -15.08 3.84 -8.13
N ASP A 231 -15.84 4.96 -8.13
CA ASP A 231 -17.26 4.96 -7.73
C ASP A 231 -18.22 4.73 -8.90
N GLU A 232 -19.45 4.27 -8.58
CA GLU A 232 -20.54 4.05 -9.53
C GLU A 232 -20.87 5.31 -10.35
N ASP A 233 -20.61 6.53 -9.78
CA ASP A 233 -20.93 7.80 -10.46
C ASP A 233 -19.89 8.26 -11.54
N GLY A 234 -19.02 7.36 -12.02
CA GLY A 234 -18.07 7.67 -13.08
C GLY A 234 -16.85 8.48 -12.71
N HIS A 235 -16.60 8.73 -11.40
CA HIS A 235 -15.41 9.46 -10.95
C HIS A 235 -14.52 8.54 -10.15
N ILE A 236 -13.19 8.71 -10.29
CA ILE A 236 -12.22 7.99 -9.47
C ILE A 236 -11.90 8.94 -8.36
N TYR A 237 -12.20 8.58 -7.13
CA TYR A 237 -11.89 9.44 -5.98
C TYR A 237 -10.45 9.20 -5.59
N LEU A 238 -9.70 10.30 -5.38
CA LEU A 238 -8.26 10.32 -5.07
C LEU A 238 -8.08 10.95 -3.70
N TYR A 239 -7.51 10.21 -2.73
CA TYR A 239 -7.35 10.72 -1.36
C TYR A 239 -5.90 11.01 -1.04
N THR A 240 -5.71 11.78 0.04
CA THR A 240 -4.38 12.10 0.59
C THR A 240 -4.55 12.59 1.99
N THR A 241 -3.44 12.66 2.73
CA THR A 241 -3.40 13.24 4.06
C THR A 241 -2.27 14.22 4.13
N SER A 242 -2.44 15.21 5.01
CA SER A 242 -1.46 16.25 5.32
C SER A 242 -1.63 16.54 6.81
N ASN A 243 -0.65 16.18 7.66
CA ASN A 243 -0.75 16.34 9.13
C ASN A 243 -2.00 15.61 9.66
N TYR A 244 -2.17 14.35 9.20
CA TYR A 244 -3.24 13.43 9.56
C TYR A 244 -4.67 13.97 9.28
N LYS A 245 -4.82 14.90 8.31
CA LYS A 245 -6.12 15.43 7.87
C LYS A 245 -6.35 14.85 6.51
N VAL A 246 -7.52 14.20 6.26
CA VAL A 246 -7.80 13.51 5.00
C VAL A 246 -8.52 14.43 4.03
N ALA A 247 -7.88 14.72 2.88
CA ALA A 247 -8.47 15.55 1.81
C ALA A 247 -8.79 14.66 0.61
N VAL A 248 -9.71 15.06 -0.25
CA VAL A 248 -10.12 14.26 -1.41
C VAL A 248 -10.20 15.11 -2.71
N ALA A 249 -9.87 14.47 -3.83
CA ALA A 249 -9.97 15.00 -5.19
C ALA A 249 -10.63 13.93 -6.05
N ARG A 250 -11.01 14.23 -7.29
CA ARG A 250 -11.61 13.21 -8.15
C ARG A 250 -11.40 13.50 -9.63
N THR A 251 -11.43 12.45 -10.44
CA THR A 251 -11.26 12.53 -11.89
C THR A 251 -12.61 12.78 -12.54
N ALA A 252 -12.63 13.47 -13.68
CA ALA A 252 -13.88 13.77 -14.38
C ALA A 252 -14.56 12.49 -14.91
N THR A 253 -13.77 11.56 -15.48
CA THR A 253 -14.25 10.30 -16.03
C THR A 253 -13.44 9.14 -15.41
N ARG A 254 -13.61 7.89 -15.92
CA ARG A 254 -12.85 6.75 -15.41
C ARG A 254 -11.39 6.74 -15.92
N ASP A 255 -11.02 7.70 -16.82
CA ASP A 255 -9.63 7.88 -17.27
C ASP A 255 -8.88 8.59 -16.13
N LEU A 256 -7.84 7.97 -15.58
CA LEU A 256 -7.05 8.59 -14.51
C LEU A 256 -6.44 9.94 -15.01
N GLY A 257 -6.16 10.04 -16.32
CA GLY A 257 -5.63 11.26 -16.92
C GLY A 257 -6.64 12.38 -17.16
N SER A 258 -7.95 12.19 -16.78
CA SER A 258 -9.00 13.22 -16.90
C SER A 258 -8.68 14.44 -16.09
N GLN A 259 -9.47 15.51 -16.24
CA GLN A 259 -9.29 16.72 -15.45
C GLN A 259 -9.62 16.41 -14.00
N TRP A 260 -8.75 16.85 -13.09
CA TRP A 260 -8.95 16.66 -11.65
C TRP A 260 -9.65 17.86 -11.06
N GLU A 261 -10.50 17.61 -10.06
CA GLU A 261 -11.16 18.66 -9.31
C GLU A 261 -11.05 18.28 -7.84
N TYR A 262 -10.81 19.27 -6.99
CA TYR A 262 -10.48 19.10 -5.59
C TYR A 262 -11.61 19.58 -4.69
N TYR A 263 -11.98 18.76 -3.69
CA TYR A 263 -13.01 19.12 -2.71
C TYR A 263 -12.28 19.94 -1.66
N VAL A 264 -12.51 21.27 -1.70
CA VAL A 264 -11.84 22.22 -0.82
C VAL A 264 -12.90 23.09 -0.13
N ALA A 265 -12.62 23.44 1.14
CA ALA A 265 -13.53 24.16 2.02
C ALA A 265 -13.26 25.66 2.05
N ASP A 266 -14.34 26.46 1.87
CA ASP A 266 -14.30 27.94 1.94
C ASP A 266 -14.07 28.36 3.42
N PRO A 267 -13.79 29.66 3.73
CA PRO A 267 -13.60 30.05 5.16
C PRO A 267 -14.86 29.85 6.04
N GLN A 268 -16.06 29.80 5.41
CA GLN A 268 -17.34 29.57 6.09
C GLN A 268 -17.63 28.06 6.29
N GLY A 269 -16.63 27.18 6.12
CA GLY A 269 -16.78 25.74 6.22
C GLY A 269 -17.55 25.10 5.08
N HIS A 270 -17.78 25.87 3.97
CA HIS A 270 -18.56 25.42 2.82
C HIS A 270 -17.67 24.70 1.82
N PHE A 271 -17.94 23.41 1.58
CA PHE A 271 -17.17 22.63 0.61
C PHE A 271 -17.72 22.77 -0.79
N SER A 272 -16.83 22.75 -1.79
CA SER A 272 -17.19 22.82 -3.20
C SER A 272 -16.08 22.24 -4.06
N TRP A 273 -16.42 21.72 -5.24
CA TRP A 273 -15.43 21.16 -6.16
C TRP A 273 -14.79 22.27 -7.00
N THR A 274 -13.45 22.35 -7.00
CA THR A 274 -12.71 23.34 -7.79
C THR A 274 -11.68 22.65 -8.63
N THR A 275 -11.36 23.21 -9.80
CA THR A 275 -10.36 22.65 -10.69
C THR A 275 -8.94 23.05 -10.26
N GLN A 276 -8.80 24.10 -9.39
CA GLN A 276 -7.48 24.56 -8.94
C GLN A 276 -6.93 23.70 -7.80
N TYR A 277 -5.66 23.27 -7.94
CA TYR A 277 -4.97 22.49 -6.91
C TYR A 277 -4.89 23.35 -5.63
N PRO A 278 -5.36 22.84 -4.47
CA PRO A 278 -5.38 23.69 -3.27
C PRO A 278 -4.04 23.84 -2.59
N SER A 279 -3.88 24.92 -1.81
CA SER A 279 -2.68 25.08 -0.99
C SER A 279 -2.75 24.04 0.12
N THR A 280 -1.60 23.61 0.65
CA THR A 280 -1.56 22.62 1.74
C THR A 280 -2.46 23.10 2.92
N GLN A 281 -2.35 24.40 3.28
CA GLN A 281 -3.14 25.04 4.34
C GLN A 281 -4.63 24.83 4.07
N ASP A 282 -5.08 25.07 2.81
CA ASP A 282 -6.48 24.90 2.42
C ASP A 282 -6.89 23.43 2.38
N ALA A 283 -6.02 22.52 1.93
CA ALA A 283 -6.37 21.10 1.90
C ALA A 283 -6.60 20.57 3.34
N GLU A 284 -5.82 21.07 4.34
CA GLU A 284 -5.97 20.66 5.74
C GLU A 284 -7.28 21.21 6.37
N ASN A 285 -7.72 22.42 5.96
CA ASN A 285 -9.01 22.99 6.44
C ASN A 285 -10.20 22.20 5.87
N SER A 286 -9.99 21.47 4.75
CA SER A 286 -10.97 20.66 4.02
C SER A 286 -10.91 19.16 4.41
N THR A 287 -10.55 18.83 5.67
CA THR A 287 -10.49 17.44 6.12
C THR A 287 -11.89 16.77 5.97
N ILE A 288 -11.94 15.53 5.42
CA ILE A 288 -13.22 14.83 5.24
C ILE A 288 -13.50 13.83 6.38
N ILE A 289 -12.64 13.78 7.42
CA ILE A 289 -12.84 12.96 8.64
C ILE A 289 -13.13 13.95 9.77
N PRO A 290 -13.51 13.55 11.00
CA PRO A 290 -13.77 14.56 12.05
C PRO A 290 -12.51 15.36 12.40
N LEU A 291 -12.70 16.56 12.99
CA LEU A 291 -11.59 17.46 13.35
C LEU A 291 -10.82 16.94 14.60
N GLU A 292 -11.50 16.06 15.35
CA GLU A 292 -11.01 15.42 16.57
C GLU A 292 -10.37 14.03 16.24
N SER A 293 -10.25 13.69 14.94
CA SER A 293 -9.68 12.43 14.47
C SER A 293 -8.48 12.69 13.64
N ALA A 294 -7.60 11.71 13.60
CA ALA A 294 -6.37 11.74 12.84
C ALA A 294 -6.13 10.37 12.28
N CYS A 295 -5.68 10.28 11.04
CA CYS A 295 -5.40 8.98 10.44
C CYS A 295 -4.46 9.14 9.24
N SER A 296 -3.79 8.05 8.85
CA SER A 296 -2.87 8.04 7.71
C SER A 296 -3.20 6.89 6.77
N MSE A 297 -2.89 7.07 5.47
CA MSE A 297 -3.16 6.09 4.41
C MSE A 297 -4.64 5.65 4.46
O MSE A 297 -4.93 4.48 4.70
CB MSE A 297 -2.19 4.88 4.50
CG MSE A 297 -0.88 5.09 3.78
SE MSE A 297 -1.13 5.50 1.89
CE MSE A 297 0.58 6.35 1.51
N PRO A 298 -5.59 6.59 4.30
CA PRO A 298 -7.01 6.21 4.35
C PRO A 298 -7.42 5.43 3.11
N TRP A 299 -8.04 4.27 3.31
CA TRP A 299 -8.52 3.42 2.22
C TRP A 299 -9.99 3.46 2.22
N VAL A 300 -10.61 4.01 1.16
CA VAL A 300 -12.07 4.10 1.07
C VAL A 300 -12.62 3.02 0.09
N PHE A 301 -13.80 2.49 0.46
CA PHE A 301 -14.55 1.50 -0.32
C PHE A 301 -16.03 1.57 0.10
N LYS A 302 -16.96 1.07 -0.76
CA LYS A 302 -18.39 1.10 -0.52
C LYS A 302 -18.92 -0.31 -0.38
N LYS A 303 -19.80 -0.52 0.60
CA LYS A 303 -20.48 -1.79 0.81
C LYS A 303 -21.92 -1.43 1.16
N GLY A 304 -22.85 -1.79 0.28
CA GLY A 304 -24.25 -1.40 0.42
C GLY A 304 -24.40 0.05 0.02
N ASP A 305 -25.08 0.84 0.86
CA ASP A 305 -25.28 2.27 0.63
C ASP A 305 -24.42 3.07 1.62
N THR A 306 -23.27 2.50 2.06
CA THR A 306 -22.38 3.15 3.01
C THR A 306 -20.93 3.11 2.52
N TYR A 307 -20.22 4.22 2.70
CA TYR A 307 -18.80 4.34 2.38
C TYR A 307 -18.07 4.13 3.66
N TYR A 308 -17.11 3.20 3.67
CA TYR A 308 -16.29 2.92 4.84
C TYR A 308 -14.88 3.31 4.54
N MSE A 309 -14.20 3.93 5.50
CA MSE A 309 -12.80 4.32 5.39
C MSE A 309 -12.03 3.59 6.41
O MSE A 309 -12.48 3.53 7.54
CB MSE A 309 -12.66 5.81 5.61
CG MSE A 309 -11.25 6.29 5.41
SE MSE A 309 -11.13 8.20 5.71
CE MSE A 309 -9.97 8.05 7.02
N ILE A 310 -10.84 3.03 6.05
CA ILE A 310 -9.98 2.33 7.02
C ILE A 310 -8.62 2.97 6.96
N GLY A 311 -8.13 3.39 8.10
CA GLY A 311 -6.83 4.03 8.20
C GLY A 311 -6.11 3.68 9.47
N GLN A 312 -4.82 3.89 9.49
CA GLN A 312 -4.00 3.64 10.66
C GLN A 312 -4.09 4.83 11.56
N SER A 313 -4.20 4.63 12.88
CA SER A 313 -4.24 5.75 13.81
C SER A 313 -2.91 6.51 13.75
N MSE A 314 -2.91 7.76 14.19
CA MSE A 314 -1.75 8.64 14.09
C MSE A 314 -0.49 8.22 14.88
O MSE A 314 -0.57 7.47 15.84
CB MSE A 314 -2.11 10.05 14.52
CG MSE A 314 -2.22 10.22 16.02
SE MSE A 314 -2.96 11.92 16.52
CE MSE A 314 -1.98 13.12 15.24
N TRP A 315 0.66 8.80 14.42
CA TRP A 315 2.04 8.61 14.86
CA TRP A 315 1.97 8.60 15.02
C TRP A 315 2.36 7.11 15.03
N PHE A 316 2.19 6.40 13.91
CA PHE A 316 2.48 4.97 13.77
C PHE A 316 1.75 4.14 14.84
N GLY A 317 0.48 4.46 15.04
CA GLY A 317 -0.32 3.76 16.04
C GLY A 317 -0.65 2.37 15.55
N ARG A 318 -0.79 1.45 16.49
CA ARG A 318 -1.13 0.08 16.18
C ARG A 318 -2.63 -0.04 16.02
N ASP A 319 -3.43 0.94 16.50
CA ASP A 319 -4.90 0.89 16.32
C ASP A 319 -5.29 1.19 14.85
N VAL A 320 -5.99 0.24 14.20
CA VAL A 320 -6.51 0.40 12.82
C VAL A 320 -7.88 1.00 12.97
N LEU A 321 -8.10 2.21 12.43
CA LEU A 321 -9.36 2.95 12.58
C LEU A 321 -10.30 2.75 11.42
N MSE A 322 -11.61 2.94 11.68
CA MSE A 322 -12.64 2.87 10.66
C MSE A 322 -13.65 3.99 10.87
O MSE A 322 -14.06 4.23 12.01
CB MSE A 322 -13.35 1.52 10.65
CG MSE A 322 -14.29 1.35 9.44
SE MSE A 322 -15.28 -0.28 9.40
CE MSE A 322 -13.96 -1.34 8.80
N PHE A 323 -14.05 4.65 9.76
CA PHE A 323 -15.06 5.72 9.70
C PHE A 323 -16.06 5.38 8.63
N ARG A 324 -17.24 6.01 8.65
CA ARG A 324 -18.24 5.78 7.62
C ARG A 324 -18.85 7.09 7.12
N SER A 325 -19.41 7.05 5.89
CA SER A 325 -20.10 8.19 5.27
C SER A 325 -21.14 7.73 4.24
N LYS A 326 -22.02 8.65 3.84
CA LYS A 326 -23.03 8.40 2.82
C LYS A 326 -22.46 8.75 1.41
N HIS A 327 -21.19 9.31 1.34
CA HIS A 327 -20.52 9.69 0.08
C HIS A 327 -19.03 9.37 0.11
N PRO A 328 -18.35 9.24 -1.07
CA PRO A 328 -16.90 8.98 -1.07
C PRO A 328 -16.05 10.17 -0.62
N TYR A 329 -16.67 11.36 -0.51
CA TYR A 329 -16.06 12.61 -0.06
C TYR A 329 -16.74 13.17 1.22
N GLY A 330 -17.91 12.63 1.55
CA GLY A 330 -18.79 13.17 2.57
C GLY A 330 -18.18 13.15 3.93
N PRO A 331 -18.88 13.74 4.91
CA PRO A 331 -18.33 13.71 6.26
C PRO A 331 -18.13 12.28 6.73
N PHE A 332 -16.86 11.83 6.82
CA PHE A 332 -16.55 10.52 7.38
C PHE A 332 -16.69 10.72 8.87
N VAL A 333 -17.55 9.93 9.51
CA VAL A 333 -17.90 10.10 10.91
C VAL A 333 -17.85 8.77 11.64
N ASP A 334 -18.10 8.83 12.96
CA ASP A 334 -18.21 7.69 13.86
C ASP A 334 -16.97 6.82 13.78
N GLN A 335 -15.86 7.34 14.33
CA GLN A 335 -14.61 6.60 14.34
C GLN A 335 -14.78 5.37 15.20
N LYS A 336 -14.19 4.26 14.79
CA LYS A 336 -14.19 3.00 15.54
C LYS A 336 -12.81 2.40 15.47
N THR A 337 -12.40 1.61 16.46
CA THR A 337 -11.12 0.91 16.41
C THR A 337 -11.45 -0.49 15.90
N LEU A 338 -11.01 -0.80 14.67
CA LEU A 338 -11.26 -2.10 14.04
C LEU A 338 -10.52 -3.17 14.82
N PHE A 339 -9.23 -2.94 15.06
CA PHE A 339 -8.39 -3.80 15.89
C PHE A 339 -7.03 -3.14 16.13
N THR A 340 -6.23 -3.73 17.02
CA THR A 340 -4.91 -3.24 17.38
C THR A 340 -3.86 -4.19 16.86
N LEU A 341 -2.91 -3.69 16.07
CA LEU A 341 -1.87 -4.53 15.47
C LEU A 341 -0.90 -5.03 16.52
N PRO A 342 -0.31 -6.23 16.35
CA PRO A 342 0.59 -6.76 17.38
C PRO A 342 1.76 -5.88 17.75
N GLU A 343 2.19 -5.98 19.02
CA GLU A 343 3.34 -5.26 19.57
C GLU A 343 4.65 -6.03 19.20
N PHE A 344 4.53 -7.38 18.98
CA PHE A 344 5.64 -8.29 18.65
C PHE A 344 5.41 -9.02 17.33
N LEU A 345 6.50 -9.25 16.55
CA LEU A 345 6.44 -9.99 15.28
C LEU A 345 6.73 -11.46 15.48
N ASP A 346 6.05 -12.35 14.71
CA ASP A 346 6.29 -13.80 14.76
C ASP A 346 7.56 -14.03 13.93
N LYS A 347 8.68 -13.94 14.63
CA LYS A 347 10.03 -13.89 14.11
C LYS A 347 11.05 -14.69 14.89
N ILE A 348 12.16 -15.08 14.26
CA ILE A 348 13.31 -15.60 14.98
C ILE A 348 14.01 -14.35 15.59
N GLY A 349 14.60 -14.47 16.77
CA GLY A 349 15.31 -13.36 17.40
C GLY A 349 14.41 -12.34 18.07
N GLU A 350 14.79 -11.04 17.97
CA GLU A 350 14.05 -9.96 18.62
C GLU A 350 12.71 -9.69 17.92
N GLN A 351 11.59 -9.92 18.61
CA GLN A 351 10.26 -9.71 18.06
C GLN A 351 9.81 -8.22 18.11
N ARG A 352 10.34 -7.43 19.09
CA ARG A 352 10.01 -5.99 19.20
C ARG A 352 10.51 -5.28 17.94
N TYR A 353 9.81 -4.23 17.49
CA TYR A 353 10.19 -3.48 16.27
C TYR A 353 9.99 -1.99 16.48
N GLN A 354 10.34 -1.15 15.48
CA GLN A 354 10.25 0.31 15.62
C GLN A 354 8.86 0.82 15.26
N HIS A 355 8.49 0.75 13.97
CA HIS A 355 7.21 1.31 13.49
C HIS A 355 6.42 0.34 12.66
N VAL A 356 5.11 0.46 12.75
CA VAL A 356 4.19 -0.26 11.92
C VAL A 356 3.54 0.84 11.08
N TYR A 357 3.48 0.65 9.78
CA TYR A 357 2.96 1.69 8.91
C TYR A 357 2.39 1.07 7.65
N MSE A 358 1.86 1.89 6.75
CA MSE A 358 1.28 1.43 5.51
C MSE A 358 0.25 0.32 5.73
O MSE A 358 0.38 -0.78 5.18
CB MSE A 358 2.40 0.96 4.58
CG MSE A 358 2.04 1.10 3.14
SE MSE A 358 2.22 2.90 2.51
CE MSE A 358 4.22 2.93 2.46
N VAL A 359 -0.73 0.59 6.58
CA VAL A 359 -1.78 -0.38 6.83
C VAL A 359 -2.70 -0.29 5.63
N ASN A 360 -2.54 -1.26 4.70
CA ASN A 360 -3.22 -1.30 3.41
C ASN A 360 -4.31 -2.31 3.36
N ILE A 361 -5.29 -2.05 2.49
CA ILE A 361 -6.51 -2.83 2.30
C ILE A 361 -6.39 -3.51 0.93
N HIS A 362 -6.82 -4.80 0.81
CA HIS A 362 -6.66 -5.59 -0.43
C HIS A 362 -7.97 -6.30 -0.84
N PRO A 363 -8.91 -5.55 -1.44
CA PRO A 363 -10.17 -6.16 -1.92
C PRO A 363 -9.99 -7.35 -2.86
N ALA A 364 -8.94 -7.34 -3.70
CA ALA A 364 -8.65 -8.43 -4.64
C ALA A 364 -8.39 -9.78 -3.94
N LEU A 365 -7.85 -9.76 -2.69
CA LEU A 365 -7.55 -10.98 -1.94
C LEU A 365 -8.72 -11.47 -1.11
N SER A 366 -9.76 -10.63 -0.94
CA SER A 366 -10.93 -10.99 -0.14
C SER A 366 -11.68 -12.16 -0.80
N ARG A 367 -11.78 -13.29 -0.06
CA ARG A 367 -12.43 -14.50 -0.53
C ARG A 367 -13.97 -14.46 -0.36
N THR A 368 -14.48 -13.84 0.74
CA THR A 368 -15.93 -13.80 1.05
C THR A 368 -16.47 -12.41 1.52
N GLY A 369 -15.70 -11.33 1.36
CA GLY A 369 -16.12 -10.00 1.79
C GLY A 369 -15.37 -9.47 3.00
N GLU A 370 -14.53 -10.33 3.64
CA GLU A 370 -13.68 -9.97 4.78
C GLU A 370 -12.68 -8.90 4.37
N LEU A 371 -12.17 -8.13 5.31
CA LEU A 371 -11.14 -7.14 4.95
C LEU A 371 -9.84 -7.85 4.93
N VAL A 372 -8.99 -7.63 3.90
CA VAL A 372 -7.65 -8.23 3.85
C VAL A 372 -6.69 -7.06 4.01
N ILE A 373 -6.03 -6.98 5.17
CA ILE A 373 -5.14 -5.89 5.55
C ILE A 373 -3.69 -6.38 5.60
N SER A 374 -2.74 -5.50 5.29
CA SER A 374 -1.32 -5.82 5.34
C SER A 374 -0.57 -4.65 5.92
N THR A 375 0.44 -4.91 6.75
CA THR A 375 1.26 -3.88 7.35
C THR A 375 2.62 -3.82 6.70
N ASN A 376 3.41 -2.85 7.13
CA ASN A 376 4.83 -2.70 6.85
C ASN A 376 5.43 -2.47 8.21
N THR A 377 6.61 -3.05 8.51
CA THR A 377 7.27 -2.85 9.80
C THR A 377 8.71 -2.50 9.58
N ASP A 378 9.32 -1.94 10.62
CA ASP A 378 10.65 -1.33 10.67
C ASP A 378 11.42 -1.73 11.90
N CYS A 379 12.76 -1.79 11.86
CA CYS A 379 13.57 -1.90 13.09
C CYS A 379 14.37 -0.58 13.19
N SER A 380 14.67 -0.13 14.42
CA SER A 380 15.34 1.18 14.64
C SER A 380 16.63 1.32 13.84
N ASN A 381 17.49 0.29 13.90
CA ASN A 381 18.77 0.30 13.22
C ASN A 381 18.72 -0.49 11.90
N PHE A 382 19.14 0.16 10.80
CA PHE A 382 19.05 -0.44 9.47
C PHE A 382 19.87 -1.71 9.30
N TRP A 383 21.01 -1.83 10.04
N TRP A 383 21.00 -1.85 9.99
CA TRP A 383 21.89 -3.00 9.95
CA TRP A 383 21.84 -3.02 9.78
C TRP A 383 21.23 -4.27 10.48
C TRP A 383 21.29 -4.27 10.51
N ASP A 384 20.18 -4.13 11.32
CA ASP A 384 19.50 -5.27 11.91
C ASP A 384 18.59 -5.99 10.89
N ASN A 385 18.51 -5.49 9.63
CA ASN A 385 17.83 -6.14 8.52
C ASN A 385 18.76 -7.19 7.89
N PHE A 386 20.03 -7.40 8.42
CA PHE A 386 20.99 -8.36 7.89
C PHE A 386 21.77 -9.17 8.94
N ASN A 387 22.38 -10.26 8.48
CA ASN A 387 23.36 -11.11 9.16
C ASN A 387 23.06 -11.66 10.56
N ALA A 388 21.83 -11.62 11.05
CA ALA A 388 21.50 -12.20 12.34
C ALA A 388 20.33 -13.09 12.17
N PRO A 389 20.16 -14.15 12.97
CA PRO A 389 18.96 -14.99 12.82
C PRO A 389 17.66 -14.18 12.87
N GLY A 390 16.77 -14.38 11.89
CA GLY A 390 15.50 -13.69 11.83
C GLY A 390 15.51 -12.27 11.31
N SER A 391 16.70 -11.69 11.04
CA SER A 391 16.86 -10.33 10.52
C SER A 391 16.04 -10.09 9.29
N ALA A 392 15.82 -11.14 8.47
CA ALA A 392 15.01 -11.03 7.26
C ALA A 392 13.56 -10.53 7.52
N ASP A 393 12.99 -10.82 8.72
CA ASP A 393 11.58 -10.63 9.01
C ASP A 393 11.15 -9.33 9.76
N PHE A 394 11.98 -8.30 9.76
CA PHE A 394 11.54 -7.01 10.29
C PHE A 394 10.84 -6.26 9.19
N TYR A 395 11.50 -6.24 8.02
CA TYR A 395 11.09 -5.49 6.87
C TYR A 395 10.36 -6.32 5.80
N ARG A 396 9.13 -6.69 6.11
CA ARG A 396 8.27 -7.41 5.17
C ARG A 396 6.84 -7.29 5.63
N PRO A 397 5.85 -7.46 4.71
CA PRO A 397 4.47 -7.33 5.12
C PRO A 397 3.97 -8.50 5.93
N TYR A 398 3.03 -8.23 6.80
CA TYR A 398 2.34 -9.24 7.60
C TYR A 398 0.87 -9.04 7.27
N PHE A 399 0.15 -10.13 6.99
CA PHE A 399 -1.24 -10.07 6.55
C PHE A 399 -2.26 -10.46 7.63
N TYR A 400 -3.43 -9.80 7.58
CA TYR A 400 -4.56 -10.03 8.50
C TYR A 400 -5.86 -10.07 7.74
N ARG A 401 -6.85 -10.79 8.26
CA ARG A 401 -8.21 -10.83 7.69
C ARG A 401 -9.18 -10.49 8.82
N VAL A 402 -10.12 -9.56 8.57
CA VAL A 402 -11.12 -9.16 9.54
C VAL A 402 -12.46 -9.61 9.02
N PHE A 403 -13.12 -10.52 9.74
CA PHE A 403 -14.45 -11.00 9.38
C PHE A 403 -15.49 -10.34 10.26
N ASN A 404 -16.62 -9.98 9.68
CA ASN A 404 -17.73 -9.35 10.39
C ASN A 404 -17.34 -7.93 10.90
N TRP A 405 -16.43 -7.23 10.18
CA TRP A 405 -16.03 -5.83 10.43
C TRP A 405 -17.24 -4.88 10.41
N GLU A 406 -18.27 -5.22 9.60
CA GLU A 406 -19.54 -4.49 9.46
C GLU A 406 -20.28 -4.28 10.81
N SER A 407 -20.12 -5.24 11.77
CA SER A 407 -20.73 -5.22 13.11
C SER A 407 -20.46 -3.98 13.91
N LEU A 408 -19.31 -3.32 13.70
CA LEU A 408 -18.94 -2.13 14.48
C LEU A 408 -20.06 -1.08 14.60
N TYR A 409 -20.91 -0.94 13.56
CA TYR A 409 -22.01 0.04 13.58
C TYR A 409 -23.39 -0.63 13.85
N ASP A 410 -23.41 -1.83 14.50
CA ASP A 410 -24.64 -2.56 14.86
C ASP A 410 -25.52 -1.76 15.78
N ASN A 411 -24.94 -1.38 16.94
CA ASN A 411 -25.66 -0.69 18.01
C ASN A 411 -25.52 0.88 17.92
N ASP A 412 -25.32 1.43 16.70
CA ASP A 412 -25.24 2.87 16.43
C ASP A 412 -26.39 3.25 15.52
N ALA A 413 -26.89 4.49 15.63
CA ALA A 413 -27.97 4.96 14.75
C ALA A 413 -27.50 5.04 13.29
N PRO A 414 -28.41 5.14 12.29
CA PRO A 414 -27.94 5.24 10.89
C PRO A 414 -27.44 6.66 10.57
N LEU A 415 -26.78 6.83 9.43
CA LEU A 415 -26.26 8.14 9.03
C LEU A 415 -27.37 9.07 8.53
C1 GOL B . -7.68 -14.20 -5.04
O1 GOL B . -8.14 -14.31 -3.68
C2 GOL B . -6.27 -14.71 -5.22
O2 GOL B . -6.13 -15.99 -4.59
C3 GOL B . -5.96 -14.84 -6.68
O3 GOL B . -4.73 -15.51 -6.90
C1 GOL C . -5.76 8.85 16.68
O1 GOL C . -5.43 8.69 15.31
C2 GOL C . -7.01 9.68 16.86
O2 GOL C . -7.96 9.34 15.84
C3 GOL C . -7.56 9.32 18.22
O3 GOL C . -8.99 9.41 18.28
C1 GOL D . 9.83 4.68 6.75
O1 GOL D . 9.63 5.18 5.44
C2 GOL D . 9.24 5.61 7.79
O2 GOL D . 7.82 5.52 7.80
C3 GOL D . 9.81 5.36 9.17
O3 GOL D . 9.12 4.29 9.84
C1 GOL E . 14.83 1.11 8.83
O1 GOL E . 15.44 -0.07 9.34
C2 GOL E . 15.06 2.30 9.74
O2 GOL E . 16.43 2.71 9.70
C3 GOL E . 14.18 3.46 9.33
O3 GOL E . 14.16 4.48 10.32
#